data_6HYF
#
_entry.id   6HYF
#
_cell.length_a   51.220
_cell.length_b   52.840
_cell.length_c   144.530
_cell.angle_alpha   90.00
_cell.angle_beta   90.00
_cell.angle_gamma   90.00
#
_symmetry.space_group_name_H-M   'P 21 21 21'
#
loop_
_entity.id
_entity.type
_entity.pdbx_description
1 polymer 'Integrin beta-4'
2 water water
#
_entity_poly.entity_id   1
_entity_poly.type   'polypeptide(L)'
_entity_poly.pdbx_seq_one_letter_code
;MHHHHHHSSGVDLGTENLYFQSPDTPTRLVFSALGPTSLKVSWQEPQCDRALLGYSVEYQLLNGGEMHRLNIPNPGQTSV
VVEDLLPNHSYVFRVRAQSQEGWGREREGVITI
;
_entity_poly.pdbx_strand_id   A,B,C,D
#
# COMPACT_ATOMS: atom_id res chain seq x y z
N HIS A 3 -0.35 7.59 12.63
CA HIS A 3 -1.23 7.14 13.72
C HIS A 3 -0.69 5.89 14.40
N HIS A 4 -0.94 5.78 15.69
CA HIS A 4 -0.57 4.62 16.48
C HIS A 4 -1.80 3.75 16.70
N HIS A 5 -1.78 2.51 16.21
CA HIS A 5 -2.88 1.60 16.48
C HIS A 5 -2.54 0.72 17.68
N HIS A 6 -3.53 0.53 18.52
CA HIS A 6 -3.45 -0.29 19.72
C HIS A 6 -4.43 -1.43 19.59
N HIS A 7 -4.13 -2.53 20.29
CA HIS A 7 -5.06 -3.63 20.40
C HIS A 7 -6.27 -3.24 21.25
N SER A 8 -7.35 -4.01 21.09
CA SER A 8 -8.58 -3.73 21.86
C SER A 8 -8.32 -3.69 23.36
N SER A 9 -7.30 -4.39 23.83
CA SER A 9 -6.95 -4.42 25.24
C SER A 9 -6.12 -3.20 25.65
N GLY A 10 -5.74 -2.35 24.71
CA GLY A 10 -4.96 -1.15 25.04
C GLY A 10 -3.47 -1.24 24.77
N VAL A 11 -2.92 -2.44 24.55
CA VAL A 11 -1.49 -2.53 24.37
C VAL A 11 -1.14 -1.97 22.99
N ASP A 12 0.05 -1.38 22.89
CA ASP A 12 0.49 -0.76 21.65
C ASP A 12 1.01 -1.85 20.71
N LEU A 13 0.74 -1.67 19.41
CA LEU A 13 1.13 -2.66 18.41
C LEU A 13 2.37 -2.18 17.67
N GLY A 14 3.19 -3.13 17.23
CA GLY A 14 4.45 -2.82 16.58
C GLY A 14 5.63 -2.97 17.52
N PHE A 20 11.85 -10.27 15.59
CA PHE A 20 10.45 -10.71 15.59
C PHE A 20 10.33 -12.22 15.55
N GLN A 21 9.53 -12.79 16.46
CA GLN A 21 9.25 -14.22 16.46
C GLN A 21 7.73 -14.38 16.41
N SER A 22 7.22 -14.79 15.26
CA SER A 22 5.79 -14.75 15.06
C SER A 22 5.13 -15.89 15.82
N PRO A 23 3.84 -15.75 16.11
CA PRO A 23 3.06 -16.89 16.59
C PRO A 23 3.04 -18.02 15.57
N ASP A 24 2.98 -19.25 16.07
CA ASP A 24 2.85 -20.38 15.19
C ASP A 24 1.46 -20.36 14.52
N THR A 25 1.27 -21.29 13.57
CA THR A 25 -0.03 -21.44 12.95
C THR A 25 -0.96 -22.34 13.77
N PRO A 26 -2.23 -21.98 13.96
CA PRO A 26 -3.12 -22.88 14.71
C PRO A 26 -3.27 -24.20 13.98
N THR A 27 -3.61 -25.24 14.72
CA THR A 27 -3.89 -26.54 14.12
C THR A 27 -5.24 -26.52 13.41
N ARG A 28 -5.59 -27.64 12.79
CA ARG A 28 -6.77 -27.74 11.98
C ARG A 28 -8.02 -27.16 12.64
N LEU A 29 -8.78 -26.37 11.89
CA LEU A 29 -10.00 -25.79 12.42
C LEU A 29 -11.05 -26.89 12.56
N VAL A 30 -11.80 -26.85 13.65
CA VAL A 30 -12.86 -27.81 13.91
C VAL A 30 -14.20 -27.09 13.81
N PHE A 31 -15.12 -27.67 13.07
CA PHE A 31 -16.43 -27.07 12.84
C PHE A 31 -17.52 -27.92 13.47
N SER A 32 -18.48 -27.27 14.12
N SER A 32 -18.47 -27.27 14.12
CA SER A 32 -19.61 -27.96 14.73
CA SER A 32 -19.61 -27.96 14.71
C SER A 32 -20.87 -27.17 14.42
C SER A 32 -20.88 -27.16 14.42
N ALA A 33 -21.87 -27.82 13.82
CA ALA A 33 -23.12 -27.15 13.51
C ALA A 33 -23.94 -27.03 14.78
N LEU A 34 -24.43 -25.82 15.05
CA LEU A 34 -25.32 -25.64 16.21
C LEU A 34 -26.78 -25.58 15.81
N GLY A 35 -27.07 -25.31 14.58
CA GLY A 35 -28.40 -25.45 14.02
C GLY A 35 -28.18 -25.38 12.54
N PRO A 36 -29.23 -25.13 11.75
CA PRO A 36 -29.08 -25.09 10.29
C PRO A 36 -28.27 -23.95 9.74
N THR A 37 -28.16 -22.83 10.46
CA THR A 37 -27.50 -21.65 9.95
C THR A 37 -26.41 -21.11 10.90
N SER A 38 -26.07 -21.83 11.95
CA SER A 38 -25.07 -21.38 12.94
C SER A 38 -23.98 -22.42 13.08
N LEU A 39 -22.74 -21.96 13.21
CA LEU A 39 -21.58 -22.82 13.13
C LEU A 39 -20.60 -22.39 14.21
N LYS A 40 -20.13 -23.34 15.01
CA LYS A 40 -19.05 -23.15 15.95
C LYS A 40 -17.74 -23.49 15.26
N VAL A 41 -16.80 -22.57 15.36
CA VAL A 41 -15.47 -22.72 14.74
C VAL A 41 -14.49 -22.70 15.90
N SER A 42 -13.70 -23.75 16.05
CA SER A 42 -12.79 -23.92 17.18
C SER A 42 -11.37 -24.22 16.69
N TRP A 43 -10.40 -23.83 17.47
CA TRP A 43 -9.01 -24.12 17.14
C TRP A 43 -8.22 -24.26 18.42
N GLN A 44 -6.98 -24.68 18.27
CA GLN A 44 -6.03 -24.76 19.38
C GLN A 44 -5.12 -23.54 19.38
N GLU A 45 -4.90 -22.95 20.55
CA GLU A 45 -3.97 -21.84 20.67
C GLU A 45 -2.58 -22.26 20.20
N PRO A 46 -1.95 -21.53 19.31
CA PRO A 46 -0.61 -21.87 18.86
C PRO A 46 0.46 -21.33 19.81
N GLN A 47 1.64 -21.89 19.70
CA GLN A 47 2.73 -21.46 20.58
C GLN A 47 3.30 -20.13 20.10
N CYS A 48 3.86 -19.38 21.06
CA CYS A 48 4.53 -18.11 20.80
C CYS A 48 5.41 -17.80 22.00
N ASP A 49 6.63 -17.32 21.75
CA ASP A 49 7.51 -16.90 22.83
C ASP A 49 6.94 -15.73 23.60
N ARG A 50 6.07 -14.95 22.99
CA ARG A 50 5.44 -13.82 23.65
C ARG A 50 3.98 -14.14 23.94
N ALA A 51 3.38 -13.27 24.74
CA ALA A 51 1.96 -13.39 24.99
C ALA A 51 1.16 -13.11 23.74
N LEU A 52 0.20 -13.98 23.44
CA LEU A 52 -0.77 -13.68 22.41
C LEU A 52 -1.77 -12.64 22.94
N LEU A 53 -2.22 -11.76 22.05
CA LEU A 53 -3.28 -10.82 22.37
C LEU A 53 -4.67 -11.33 21.98
N GLY A 54 -4.75 -12.27 21.07
CA GLY A 54 -6.04 -12.67 20.57
C GLY A 54 -5.90 -13.21 19.16
N TYR A 55 -7.03 -13.31 18.48
CA TYR A 55 -7.13 -13.93 17.17
C TYR A 55 -7.93 -13.06 16.20
N SER A 56 -7.70 -13.26 14.90
CA SER A 56 -8.64 -12.73 13.93
C SER A 56 -9.20 -13.92 13.15
N VAL A 57 -10.51 -13.86 12.89
CA VAL A 57 -11.22 -14.88 12.12
C VAL A 57 -11.85 -14.22 10.94
N GLU A 58 -11.49 -14.67 9.74
CA GLU A 58 -12.05 -14.10 8.52
C GLU A 58 -12.79 -15.21 7.82
N TYR A 59 -13.94 -14.91 7.25
CA TYR A 59 -14.64 -15.96 6.48
C TYR A 59 -15.40 -15.34 5.32
N GLN A 60 -15.61 -16.18 4.31
CA GLN A 60 -16.33 -15.74 3.13
C GLN A 60 -16.78 -16.98 2.39
N LEU A 61 -17.76 -16.77 1.51
CA LEU A 61 -18.13 -17.82 0.57
C LEU A 61 -16.99 -18.14 -0.38
N LEU A 62 -16.82 -19.43 -0.68
CA LEU A 62 -15.76 -19.82 -1.59
C LEU A 62 -15.95 -19.18 -2.96
N ASN A 63 -17.18 -19.11 -3.42
CA ASN A 63 -17.50 -18.61 -4.75
C ASN A 63 -17.46 -17.09 -4.81
N GLY A 64 -16.99 -16.48 -3.74
CA GLY A 64 -16.93 -15.05 -3.69
C GLY A 64 -18.10 -14.47 -2.93
N GLY A 65 -17.88 -13.28 -2.43
CA GLY A 65 -18.86 -12.60 -1.60
C GLY A 65 -18.10 -11.70 -0.64
N GLU A 66 -18.88 -11.06 0.23
CA GLU A 66 -18.33 -10.16 1.23
C GLU A 66 -17.46 -10.94 2.21
N MET A 67 -16.27 -10.42 2.50
CA MET A 67 -15.40 -11.00 3.50
C MET A 67 -15.82 -10.45 4.85
N HIS A 68 -16.21 -11.35 5.78
CA HIS A 68 -16.51 -10.99 7.15
C HIS A 68 -15.27 -11.17 8.00
N ARG A 69 -15.05 -10.26 8.96
CA ARG A 69 -13.92 -10.36 9.84
C ARG A 69 -14.36 -10.17 11.29
N LEU A 70 -13.80 -11.00 12.18
CA LEU A 70 -14.05 -10.93 13.61
C LEU A 70 -12.71 -10.84 14.32
N ASN A 71 -12.60 -9.93 15.29
CA ASN A 71 -11.44 -9.93 16.16
C ASN A 71 -11.86 -10.55 17.49
N ILE A 72 -11.09 -11.53 17.95
CA ILE A 72 -11.34 -12.27 19.19
C ILE A 72 -10.30 -11.86 20.21
N PRO A 73 -10.61 -10.97 21.15
CA PRO A 73 -9.54 -10.37 21.96
C PRO A 73 -9.12 -11.09 23.23
N ASN A 74 -9.29 -12.40 23.29
CA ASN A 74 -8.80 -13.17 24.44
C ASN A 74 -7.95 -14.32 23.91
N PRO A 75 -6.66 -14.42 24.25
CA PRO A 75 -5.88 -15.60 23.81
C PRO A 75 -6.46 -16.92 24.29
N GLY A 76 -7.15 -16.92 25.43
CA GLY A 76 -7.86 -18.08 25.92
C GLY A 76 -9.16 -18.38 25.22
N GLN A 77 -9.66 -17.47 24.38
CA GLN A 77 -10.90 -17.68 23.65
C GLN A 77 -10.53 -18.28 22.30
N THR A 78 -10.73 -19.61 22.17
CA THR A 78 -10.29 -20.37 21.00
C THR A 78 -11.48 -20.92 20.21
N SER A 79 -12.61 -20.26 20.27
CA SER A 79 -13.77 -20.66 19.47
C SER A 79 -14.68 -19.46 19.29
N VAL A 80 -15.46 -19.48 18.20
CA VAL A 80 -16.43 -18.43 17.95
C VAL A 80 -17.61 -19.07 17.24
N VAL A 81 -18.82 -18.56 17.49
CA VAL A 81 -20.01 -19.04 16.77
C VAL A 81 -20.40 -17.99 15.76
N VAL A 82 -20.58 -18.40 14.51
CA VAL A 82 -20.99 -17.54 13.41
C VAL A 82 -22.43 -17.88 13.05
N GLU A 83 -23.22 -16.86 12.80
CA GLU A 83 -24.65 -17.00 12.55
C GLU A 83 -25.03 -16.55 11.13
N ASP A 84 -26.26 -16.87 10.75
CA ASP A 84 -26.87 -16.43 9.49
C ASP A 84 -26.12 -16.92 8.26
N LEU A 85 -25.55 -18.10 8.33
CA LEU A 85 -24.87 -18.68 7.21
C LEU A 85 -25.88 -19.31 6.26
N LEU A 86 -25.46 -19.47 5.04
CA LEU A 86 -26.38 -19.99 4.00
C LEU A 86 -26.32 -21.51 3.90
N PRO A 87 -27.43 -22.23 4.08
CA PRO A 87 -27.39 -23.69 3.93
C PRO A 87 -26.91 -24.07 2.53
N ASN A 88 -26.20 -25.19 2.50
CA ASN A 88 -25.69 -25.81 1.29
C ASN A 88 -24.67 -24.97 0.56
N HIS A 89 -24.16 -23.92 1.18
CA HIS A 89 -23.10 -23.09 0.64
C HIS A 89 -21.76 -23.42 1.31
N SER A 90 -20.68 -23.33 0.53
CA SER A 90 -19.34 -23.63 0.99
C SER A 90 -18.60 -22.35 1.35
N TYR A 91 -17.99 -22.36 2.55
CA TYR A 91 -17.28 -21.22 3.11
C TYR A 91 -15.82 -21.56 3.36
N VAL A 92 -14.98 -20.52 3.42
CA VAL A 92 -13.59 -20.66 3.83
C VAL A 92 -13.43 -19.79 5.06
N PHE A 93 -12.85 -20.36 6.11
CA PHE A 93 -12.51 -19.65 7.36
C PHE A 93 -11.01 -19.59 7.50
N ARG A 94 -10.47 -18.45 7.99
CA ARG A 94 -9.04 -18.36 8.19
C ARG A 94 -8.83 -17.77 9.58
N VAL A 95 -8.03 -18.42 10.42
CA VAL A 95 -7.77 -17.96 11.79
C VAL A 95 -6.28 -17.73 11.97
N ARG A 96 -5.92 -16.59 12.54
CA ARG A 96 -4.52 -16.37 12.88
C ARG A 96 -4.45 -15.71 14.25
N ALA A 97 -3.35 -15.96 14.95
CA ALA A 97 -3.10 -15.38 16.28
C ALA A 97 -2.33 -14.07 16.14
N GLN A 98 -2.54 -13.16 17.11
CA GLN A 98 -1.96 -11.85 17.09
C GLN A 98 -1.09 -11.69 18.33
N SER A 99 0.10 -11.18 18.16
CA SER A 99 0.95 -10.77 19.27
C SER A 99 1.22 -9.27 19.14
N GLN A 100 1.89 -8.69 20.15
CA GLN A 100 2.23 -7.28 20.10
C GLN A 100 3.04 -6.93 18.86
N GLU A 101 3.85 -7.86 18.36
CA GLU A 101 4.76 -7.58 17.25
C GLU A 101 4.12 -7.83 15.87
N GLY A 102 3.06 -8.56 15.81
CA GLY A 102 2.35 -8.79 14.57
C GLY A 102 1.62 -10.11 14.56
N TRP A 103 1.30 -10.53 13.35
CA TRP A 103 0.41 -11.66 13.13
C TRP A 103 1.15 -12.95 12.81
N GLY A 104 0.63 -14.07 13.34
CA GLY A 104 1.08 -15.35 12.87
C GLY A 104 0.43 -15.70 11.56
N ARG A 105 0.87 -16.82 11.01
CA ARG A 105 0.26 -17.29 9.78
C ARG A 105 -1.16 -17.78 10.04
N GLU A 106 -1.97 -17.74 8.99
CA GLU A 106 -3.35 -18.17 9.04
C GLU A 106 -3.49 -19.68 8.87
N ARG A 107 -4.39 -20.27 9.63
CA ARG A 107 -4.92 -21.63 9.38
C ARG A 107 -6.27 -21.52 8.67
N GLU A 108 -6.35 -22.15 7.50
CA GLU A 108 -7.54 -22.16 6.67
C GLU A 108 -8.31 -23.45 6.93
N GLY A 109 -9.63 -23.33 6.94
CA GLY A 109 -10.50 -24.50 7.01
C GLY A 109 -11.76 -24.21 6.24
N VAL A 110 -12.25 -25.21 5.47
CA VAL A 110 -13.45 -24.96 4.69
C VAL A 110 -14.54 -25.92 5.12
N ILE A 111 -15.78 -25.53 4.82
CA ILE A 111 -16.94 -26.29 5.28
C ILE A 111 -18.15 -25.95 4.43
N THR A 112 -19.01 -26.96 4.21
CA THR A 112 -20.28 -26.76 3.54
C THR A 112 -21.41 -26.76 4.57
N ILE A 113 -22.17 -25.66 4.64
CA ILE A 113 -23.19 -25.56 5.67
C ILE A 113 -24.32 -26.55 5.48
N GLY B 14 4.34 -23.09 4.49
CA GLY B 14 3.15 -22.90 5.33
C GLY B 14 2.03 -22.11 4.66
N THR B 15 2.40 -20.98 4.06
CA THR B 15 1.45 -20.14 3.32
C THR B 15 0.86 -20.82 2.08
N GLU B 16 1.41 -21.99 1.70
CA GLU B 16 1.07 -22.61 0.42
C GLU B 16 -0.43 -22.85 0.27
N ASN B 17 -0.99 -23.69 1.13
CA ASN B 17 -2.32 -24.23 0.90
C ASN B 17 -3.39 -23.16 0.78
N LEU B 18 -3.16 -21.97 1.34
CA LEU B 18 -4.19 -20.95 1.37
C LEU B 18 -4.78 -20.74 -0.03
N TYR B 19 -6.10 -20.87 -0.12
CA TYR B 19 -6.84 -20.67 -1.37
C TYR B 19 -6.85 -19.19 -1.75
N PHE B 20 -7.64 -18.39 -1.06
CA PHE B 20 -7.59 -16.95 -1.26
C PHE B 20 -6.27 -16.38 -0.74
N GLN B 21 -5.78 -15.35 -1.40
CA GLN B 21 -4.62 -14.61 -0.95
C GLN B 21 -5.02 -13.15 -0.77
N SER B 22 -4.72 -12.62 0.41
CA SER B 22 -5.14 -11.28 0.77
C SER B 22 -4.33 -10.27 -0.04
N PRO B 23 -4.76 -9.02 -0.04
CA PRO B 23 -3.94 -7.95 -0.64
C PRO B 23 -2.94 -7.37 0.33
N ASP B 24 -2.95 -7.82 1.59
CA ASP B 24 -1.94 -7.49 2.59
C ASP B 24 -0.61 -8.19 2.33
N THR B 25 -0.57 -9.19 1.44
N THR B 25 -0.57 -9.19 1.45
CA THR B 25 0.66 -9.93 1.23
CA THR B 25 0.66 -9.96 1.23
C THR B 25 1.44 -9.32 0.07
C THR B 25 1.45 -9.35 0.07
N PRO B 26 2.78 -9.25 0.18
CA PRO B 26 3.58 -8.87 -0.99
C PRO B 26 3.27 -9.79 -2.15
N THR B 27 3.46 -9.28 -3.36
CA THR B 27 3.28 -10.14 -4.54
C THR B 27 4.39 -11.20 -4.64
N ARG B 28 4.18 -12.16 -5.56
CA ARG B 28 5.11 -13.29 -5.71
C ARG B 28 6.55 -12.83 -5.83
N LEU B 29 7.46 -13.57 -5.20
CA LEU B 29 8.87 -13.21 -5.21
C LEU B 29 9.46 -13.48 -6.59
N VAL B 30 10.19 -12.50 -7.11
CA VAL B 30 10.87 -12.62 -8.39
C VAL B 30 12.36 -12.69 -8.12
N PHE B 31 13.02 -13.74 -8.65
CA PHE B 31 14.44 -13.95 -8.45
C PHE B 31 15.25 -13.71 -9.74
N SER B 32 16.38 -13.01 -9.62
CA SER B 32 17.31 -12.79 -10.70
C SER B 32 18.71 -13.09 -10.20
N ALA B 33 19.42 -13.98 -10.88
CA ALA B 33 20.81 -14.25 -10.51
C ALA B 33 21.70 -13.08 -10.93
N LEU B 34 22.61 -12.69 -10.06
CA LEU B 34 23.60 -11.66 -10.35
C LEU B 34 25.02 -12.20 -10.23
N GLY B 35 25.21 -13.48 -10.52
CA GLY B 35 26.47 -14.17 -10.29
C GLY B 35 26.22 -15.53 -9.67
N PRO B 36 27.25 -16.37 -9.58
CA PRO B 36 27.04 -17.73 -9.05
C PRO B 36 26.77 -17.77 -7.56
N THR B 37 26.99 -16.68 -6.83
CA THR B 37 26.75 -16.64 -5.39
C THR B 37 25.85 -15.48 -4.97
N SER B 38 25.15 -14.83 -5.90
CA SER B 38 24.42 -13.62 -5.61
C SER B 38 23.07 -13.62 -6.29
N LEU B 39 22.09 -12.98 -5.68
CA LEU B 39 20.82 -12.89 -6.37
C LEU B 39 20.05 -11.68 -5.88
N LYS B 40 19.18 -11.21 -6.76
CA LYS B 40 18.23 -10.16 -6.44
C LYS B 40 16.88 -10.80 -6.17
N VAL B 41 16.26 -10.40 -5.08
CA VAL B 41 14.92 -10.81 -4.70
C VAL B 41 14.05 -9.58 -4.76
N SER B 42 12.95 -9.65 -5.52
CA SER B 42 12.02 -8.55 -5.67
C SER B 42 10.58 -8.94 -5.46
N TRP B 43 9.77 -7.95 -5.10
CA TRP B 43 8.34 -8.14 -4.89
C TRP B 43 7.67 -6.80 -5.20
N GLN B 44 6.36 -6.78 -5.17
CA GLN B 44 5.63 -5.53 -5.31
C GLN B 44 4.77 -5.31 -4.07
N GLU B 45 4.44 -4.04 -3.88
CA GLU B 45 3.70 -3.61 -2.71
C GLU B 45 2.43 -4.44 -2.59
N PRO B 46 2.02 -4.80 -1.39
CA PRO B 46 0.64 -5.26 -1.21
C PRO B 46 -0.31 -4.24 -1.81
N GLN B 47 -1.23 -4.71 -2.65
CA GLN B 47 -2.23 -3.82 -3.23
C GLN B 47 -3.21 -3.34 -2.17
N CYS B 48 -3.25 -4.00 -1.01
CA CYS B 48 -4.12 -3.61 0.08
C CYS B 48 -3.96 -2.13 0.39
N ASP B 49 -4.78 -1.64 1.30
CA ASP B 49 -4.53 -0.32 1.86
C ASP B 49 -3.06 -0.20 2.29
N ARG B 50 -2.60 1.02 2.49
CA ARG B 50 -1.39 1.39 3.20
C ARG B 50 -1.87 1.62 4.64
N ALA B 51 -1.05 2.25 5.50
CA ALA B 51 0.28 2.75 5.30
C ALA B 51 1.33 1.71 5.71
N LEU B 52 2.23 1.41 4.80
CA LEU B 52 3.29 0.46 5.06
C LEU B 52 4.51 1.15 5.64
N LEU B 53 5.13 0.52 6.63
CA LEU B 53 6.33 1.07 7.24
C LEU B 53 7.61 0.42 6.71
N GLY B 54 7.53 -0.80 6.18
CA GLY B 54 8.72 -1.40 5.62
C GLY B 54 8.50 -2.89 5.39
N TYR B 55 9.59 -3.59 5.24
CA TYR B 55 9.52 -5.02 5.02
C TYR B 55 10.55 -5.75 5.88
N SER B 56 10.34 -7.06 6.05
CA SER B 56 11.36 -7.96 6.57
C SER B 56 11.56 -9.06 5.56
N VAL B 57 12.80 -9.50 5.41
CA VAL B 57 13.17 -10.60 4.52
C VAL B 57 13.91 -11.61 5.40
N GLU B 58 13.48 -12.87 5.34
CA GLU B 58 14.15 -13.96 6.01
C GLU B 58 14.48 -14.96 4.91
N TYR B 59 15.64 -15.61 4.98
CA TYR B 59 15.95 -16.71 4.07
C TYR B 59 16.82 -17.75 4.78
N GLN B 60 16.75 -18.96 4.26
CA GLN B 60 17.41 -20.09 4.87
C GLN B 60 17.62 -21.14 3.78
N LEU B 61 18.72 -21.85 3.91
CA LEU B 61 18.86 -23.06 3.09
C LEU B 61 17.70 -24.01 3.36
N LEU B 62 17.21 -24.68 2.30
CA LEU B 62 16.22 -25.73 2.53
C LEU B 62 16.82 -26.81 3.40
N ASN B 63 18.16 -27.03 3.32
CA ASN B 63 18.80 -28.09 4.09
C ASN B 63 18.87 -27.77 5.57
N GLY B 64 18.69 -26.50 5.98
CA GLY B 64 18.83 -26.11 7.38
C GLY B 64 19.84 -24.97 7.51
N GLY B 65 20.66 -25.07 8.58
CA GLY B 65 21.62 -24.03 8.85
C GLY B 65 20.95 -22.80 9.44
N GLU B 66 21.73 -21.71 9.48
CA GLU B 66 21.30 -20.52 10.19
C GLU B 66 20.26 -19.75 9.39
N MET B 67 19.37 -19.09 10.11
CA MET B 67 18.40 -18.22 9.50
C MET B 67 19.04 -16.85 9.27
N HIS B 68 18.85 -16.30 8.07
CA HIS B 68 19.27 -14.95 7.74
C HIS B 68 18.07 -14.01 7.79
N ARG B 69 18.27 -12.83 8.35
CA ARG B 69 17.17 -11.88 8.42
C ARG B 69 17.67 -10.46 8.14
N LEU B 70 16.89 -9.69 7.40
CA LEU B 70 17.16 -8.26 7.29
C LEU B 70 15.85 -7.49 7.35
N ASN B 71 15.94 -6.26 7.77
CA ASN B 71 14.79 -5.39 7.81
C ASN B 71 14.99 -4.26 6.84
N ILE B 72 13.93 -3.93 6.12
CA ILE B 72 13.93 -2.85 5.16
C ILE B 72 12.99 -1.78 5.71
N PRO B 73 13.52 -0.68 6.24
CA PRO B 73 12.68 0.28 6.95
C PRO B 73 11.99 1.31 6.07
N ASN B 74 11.93 1.06 4.78
CA ASN B 74 11.39 1.99 3.81
C ASN B 74 10.37 1.26 2.93
N PRO B 75 9.10 1.66 2.92
CA PRO B 75 8.13 0.94 2.08
C PRO B 75 8.40 1.05 0.59
N GLY B 76 9.21 2.01 0.14
CA GLY B 76 9.52 2.09 -1.27
C GLY B 76 10.53 1.08 -1.79
N GLN B 77 11.27 0.42 -0.92
CA GLN B 77 12.35 -0.48 -1.32
C GLN B 77 11.76 -1.88 -1.39
N THR B 78 11.54 -2.37 -2.59
CA THR B 78 10.88 -3.65 -2.77
C THR B 78 11.82 -4.69 -3.34
N SER B 79 13.12 -4.53 -3.11
CA SER B 79 14.04 -5.59 -3.54
C SER B 79 15.28 -5.53 -2.64
N VAL B 80 16.07 -6.60 -2.71
N VAL B 80 16.06 -6.61 -2.69
CA VAL B 80 17.36 -6.64 -2.05
CA VAL B 80 17.35 -6.67 -2.04
C VAL B 80 18.26 -7.58 -2.83
C VAL B 80 18.25 -7.56 -2.87
N VAL B 81 19.56 -7.31 -2.80
CA VAL B 81 20.57 -8.18 -3.38
C VAL B 81 21.30 -8.89 -2.26
N VAL B 82 21.27 -10.22 -2.24
CA VAL B 82 21.98 -11.00 -1.21
C VAL B 82 23.16 -11.70 -1.87
N GLU B 83 24.22 -11.84 -1.11
CA GLU B 83 25.51 -12.31 -1.62
C GLU B 83 26.00 -13.47 -0.76
N ASP B 84 27.08 -14.09 -1.22
CA ASP B 84 27.71 -15.19 -0.51
C ASP B 84 26.74 -16.35 -0.26
N LEU B 85 25.87 -16.62 -1.22
CA LEU B 85 25.02 -17.80 -1.18
C LEU B 85 25.84 -19.01 -1.61
N LEU B 86 25.41 -20.19 -1.19
CA LEU B 86 26.12 -21.44 -1.53
C LEU B 86 25.76 -21.89 -2.95
N PRO B 87 26.74 -22.04 -3.84
CA PRO B 87 26.43 -22.54 -5.19
C PRO B 87 25.72 -23.87 -5.15
N ASN B 88 24.78 -24.04 -6.10
CA ASN B 88 24.00 -25.23 -6.33
C ASN B 88 23.07 -25.60 -5.18
N HIS B 89 22.86 -24.71 -4.22
CA HIS B 89 21.96 -24.97 -3.11
C HIS B 89 20.63 -24.24 -3.25
N SER B 90 19.62 -24.80 -2.62
CA SER B 90 18.26 -24.29 -2.66
C SER B 90 17.96 -23.53 -1.37
N TYR B 91 17.26 -22.44 -1.52
CA TYR B 91 16.86 -21.55 -0.44
C TYR B 91 15.35 -21.31 -0.44
N VAL B 92 14.85 -20.97 0.75
CA VAL B 92 13.53 -20.39 0.91
C VAL B 92 13.66 -18.95 1.41
N PHE B 93 12.92 -18.07 0.81
CA PHE B 93 12.81 -16.64 1.16
C PHE B 93 11.40 -16.32 1.60
N ARG B 94 11.27 -15.49 2.64
CA ARG B 94 9.97 -15.07 3.13
C ARG B 94 10.05 -13.58 3.29
N VAL B 95 9.05 -12.87 2.78
CA VAL B 95 8.95 -11.42 2.84
C VAL B 95 7.65 -11.06 3.53
N ARG B 96 7.74 -10.17 4.51
CA ARG B 96 6.54 -9.66 5.17
C ARG B 96 6.57 -8.14 5.12
N ALA B 97 5.40 -7.52 5.07
CA ALA B 97 5.28 -6.09 5.18
C ALA B 97 4.93 -5.73 6.62
N GLN B 98 5.41 -4.57 7.07
CA GLN B 98 5.04 -4.08 8.37
C GLN B 98 4.00 -2.98 8.17
N SER B 99 2.90 -3.04 8.93
CA SER B 99 1.90 -1.98 8.98
C SER B 99 1.84 -1.46 10.42
N GLN B 100 0.88 -0.60 10.69
CA GLN B 100 0.74 -0.09 12.05
C GLN B 100 0.27 -1.17 13.02
N GLU B 101 -0.21 -2.30 12.53
CA GLU B 101 -0.49 -3.47 13.37
C GLU B 101 0.73 -4.37 13.58
N GLY B 102 1.86 -4.04 12.99
CA GLY B 102 3.03 -4.89 13.07
C GLY B 102 3.17 -5.72 11.81
N TRP B 103 3.92 -6.81 11.95
CA TRP B 103 4.23 -7.65 10.81
C TRP B 103 2.99 -8.36 10.31
N GLY B 104 2.83 -8.42 8.99
CA GLY B 104 1.64 -8.94 8.39
C GLY B 104 1.90 -10.23 7.62
N ARG B 105 1.13 -10.47 6.58
CA ARG B 105 1.12 -11.76 5.90
C ARG B 105 2.40 -11.95 5.09
N GLU B 106 2.83 -13.19 5.02
CA GLU B 106 4.11 -13.59 4.43
C GLU B 106 3.91 -14.00 2.99
N ARG B 107 4.84 -13.60 2.13
CA ARG B 107 4.98 -14.23 0.81
C ARG B 107 6.24 -15.07 0.82
N GLU B 108 6.11 -16.31 0.40
CA GLU B 108 7.20 -17.26 0.37
C GLU B 108 7.56 -17.58 -1.08
N GLY B 109 8.86 -17.76 -1.32
CA GLY B 109 9.38 -18.21 -2.61
C GLY B 109 10.67 -18.96 -2.49
N VAL B 110 10.86 -19.97 -3.35
CA VAL B 110 12.08 -20.75 -3.28
C VAL B 110 12.87 -20.61 -4.55
N ILE B 111 14.18 -20.85 -4.44
CA ILE B 111 15.09 -20.64 -5.56
C ILE B 111 16.31 -21.52 -5.37
N THR B 112 16.87 -22.01 -6.48
CA THR B 112 18.17 -22.68 -6.42
C THR B 112 19.23 -21.82 -7.09
N ILE B 113 20.39 -21.66 -6.42
CA ILE B 113 21.49 -20.89 -6.94
C ILE B 113 22.30 -21.68 -7.96
N PRO C 23 14.94 -0.98 -16.61
CA PRO C 23 14.17 -0.56 -15.43
C PRO C 23 12.75 -0.10 -15.75
N ASP C 24 11.77 -0.66 -15.05
CA ASP C 24 10.39 -0.22 -15.20
C ASP C 24 10.29 1.23 -14.74
N THR C 25 9.12 1.73 -14.60
CA THR C 25 8.97 3.08 -14.13
C THR C 25 8.72 3.06 -12.63
N PRO C 26 9.15 4.09 -11.88
CA PRO C 26 8.74 4.19 -10.48
C PRO C 26 7.22 4.26 -10.42
N THR C 27 6.68 3.87 -9.26
CA THR C 27 5.24 3.95 -9.02
C THR C 27 4.79 5.39 -8.85
N ARG C 28 3.47 5.60 -8.80
CA ARG C 28 2.89 6.93 -8.66
C ARG C 28 3.58 7.73 -7.57
N LEU C 29 3.91 8.98 -7.88
CA LEU C 29 4.56 9.85 -6.88
C LEU C 29 3.58 10.21 -5.79
N VAL C 30 4.03 10.12 -4.53
CA VAL C 30 3.19 10.45 -3.38
C VAL C 30 3.79 11.72 -2.78
N PHE C 31 2.94 12.72 -2.57
CA PHE C 31 3.36 14.02 -2.03
C PHE C 31 2.79 14.22 -0.63
N SER C 32 3.62 14.73 0.29
CA SER C 32 3.15 15.06 1.63
C SER C 32 3.76 16.38 2.06
N ALA C 33 2.92 17.27 2.57
CA ALA C 33 3.39 18.60 2.97
C ALA C 33 4.18 18.50 4.27
N LEU C 34 5.24 19.30 4.36
CA LEU C 34 6.07 19.43 5.55
C LEU C 34 6.14 20.93 5.80
N GLY C 35 5.14 21.49 6.49
CA GLY C 35 5.08 22.92 6.66
C GLY C 35 4.65 23.61 5.38
N PRO C 36 4.73 24.92 5.36
CA PRO C 36 4.13 25.67 4.25
C PRO C 36 4.96 25.76 2.98
N THR C 37 6.26 25.42 3.02
CA THR C 37 7.10 25.61 1.83
C THR C 37 7.94 24.37 1.48
N SER C 38 7.61 23.22 2.03
CA SER C 38 8.45 22.04 1.89
C SER C 38 7.54 20.86 1.59
N LEU C 39 8.14 19.84 0.97
CA LEU C 39 7.35 18.74 0.43
C LEU C 39 8.16 17.48 0.49
N LYS C 40 7.53 16.41 0.93
CA LYS C 40 8.10 15.08 0.81
C LYS C 40 7.53 14.44 -0.44
N VAL C 41 8.42 13.97 -1.32
CA VAL C 41 8.04 13.24 -2.54
C VAL C 41 8.53 11.81 -2.39
N SER C 42 7.63 10.85 -2.58
N SER C 42 7.63 10.84 -2.58
CA SER C 42 7.98 9.45 -2.39
CA SER C 42 8.00 9.45 -2.35
C SER C 42 7.57 8.67 -3.63
C SER C 42 7.43 8.56 -3.44
N TRP C 43 8.18 7.50 -3.78
CA TRP C 43 7.83 6.58 -4.86
C TRP C 43 8.25 5.17 -4.44
N GLN C 44 7.87 4.20 -5.25
CA GLN C 44 8.27 2.83 -5.02
C GLN C 44 9.21 2.41 -6.15
N GLU C 45 10.11 1.51 -5.80
CA GLU C 45 11.13 1.01 -6.70
C GLU C 45 10.50 0.36 -7.92
N PRO C 46 11.05 0.60 -9.09
CA PRO C 46 10.59 -0.14 -10.26
C PRO C 46 11.12 -1.55 -10.24
N GLN C 47 10.49 -2.40 -11.06
CA GLN C 47 10.95 -3.77 -11.24
C GLN C 47 12.04 -3.80 -12.30
N CYS C 48 13.20 -4.38 -11.95
CA CYS C 48 14.34 -4.45 -12.85
C CYS C 48 15.10 -5.72 -12.54
N ASP C 49 15.61 -6.36 -13.60
CA ASP C 49 16.35 -7.59 -13.40
C ASP C 49 17.73 -7.35 -12.80
N ARG C 50 18.20 -6.12 -12.75
CA ARG C 50 19.52 -5.82 -12.22
C ARG C 50 19.42 -4.88 -11.03
N ALA C 51 20.46 -4.90 -10.21
CA ALA C 51 20.54 -3.97 -9.10
C ALA C 51 20.34 -2.54 -9.58
N LEU C 52 19.75 -1.71 -8.74
CA LEU C 52 19.61 -0.30 -9.03
C LEU C 52 20.79 0.48 -8.44
N LEU C 53 21.20 1.51 -9.15
CA LEU C 53 22.25 2.40 -8.65
C LEU C 53 21.69 3.65 -7.97
N GLY C 54 20.50 4.10 -8.33
CA GLY C 54 19.94 5.28 -7.73
C GLY C 54 18.84 5.87 -8.60
N TYR C 55 18.46 7.09 -8.25
CA TYR C 55 17.38 7.78 -8.93
C TYR C 55 17.83 9.19 -9.30
N SER C 56 17.04 9.80 -10.15
CA SER C 56 17.17 11.21 -10.48
C SER C 56 15.80 11.84 -10.33
N VAL C 57 15.74 13.02 -9.74
CA VAL C 57 14.49 13.76 -9.59
C VAL C 57 14.63 15.09 -10.32
N GLU C 58 13.59 15.47 -11.04
CA GLU C 58 13.51 16.70 -11.81
C GLU C 58 12.22 17.39 -11.41
N TYR C 59 12.26 18.71 -11.20
CA TYR C 59 11.02 19.41 -10.89
C TYR C 59 11.12 20.87 -11.30
N GLN C 60 9.95 21.45 -11.55
CA GLN C 60 9.86 22.84 -11.95
C GLN C 60 8.42 23.33 -11.83
N LEU C 61 8.27 24.65 -11.75
CA LEU C 61 6.94 25.26 -11.83
C LEU C 61 6.29 24.89 -13.15
N LEU C 62 4.98 24.64 -13.12
CA LEU C 62 4.23 24.36 -14.34
C LEU C 62 4.28 25.53 -15.31
N ASN C 63 4.24 26.76 -14.79
CA ASN C 63 4.33 27.96 -15.62
C ASN C 63 5.77 28.30 -16.00
N GLY C 64 6.66 27.32 -15.98
CA GLY C 64 8.03 27.50 -16.43
C GLY C 64 8.90 28.16 -15.38
N GLY C 65 10.20 28.00 -15.57
CA GLY C 65 11.18 28.55 -14.67
C GLY C 65 12.41 27.67 -14.67
N GLU C 66 13.24 27.84 -13.64
CA GLU C 66 14.42 26.99 -13.51
C GLU C 66 13.99 25.54 -13.40
N MET C 67 14.73 24.67 -14.09
CA MET C 67 14.60 23.23 -13.92
C MET C 67 15.57 22.82 -12.82
N HIS C 68 15.04 22.28 -11.73
CA HIS C 68 15.85 21.75 -10.67
C HIS C 68 16.08 20.27 -10.94
N ARG C 69 17.31 19.82 -10.73
CA ARG C 69 17.70 18.43 -10.97
C ARG C 69 18.43 17.90 -9.76
N LEU C 70 18.00 16.74 -9.27
CA LEU C 70 18.55 16.10 -8.09
C LEU C 70 19.00 14.69 -8.44
N ASN C 71 20.21 14.34 -8.06
CA ASN C 71 20.74 12.99 -8.25
C ASN C 71 20.78 12.29 -6.89
N ILE C 72 20.30 11.06 -6.86
CA ILE C 72 20.22 10.24 -5.64
C ILE C 72 20.90 8.91 -5.93
N PRO C 73 22.22 8.77 -5.72
CA PRO C 73 22.88 7.53 -6.09
C PRO C 73 22.99 6.58 -4.91
N ASN C 74 22.07 5.60 -4.88
CA ASN C 74 21.95 4.52 -3.90
C ASN C 74 20.47 4.21 -3.84
N PRO C 75 20.06 2.98 -4.16
CA PRO C 75 18.64 2.68 -4.35
C PRO C 75 17.86 2.46 -3.06
N GLY C 76 18.50 2.69 -1.90
CA GLY C 76 17.79 2.56 -0.64
C GLY C 76 16.90 3.75 -0.33
N GLN C 77 17.11 4.88 -1.02
CA GLN C 77 16.37 6.11 -0.78
C GLN C 77 15.31 6.23 -1.88
N THR C 78 14.04 6.13 -1.49
CA THR C 78 12.92 6.26 -2.40
C THR C 78 12.08 7.48 -2.05
N SER C 79 12.69 8.44 -1.38
N SER C 79 12.70 8.47 -1.42
CA SER C 79 12.04 9.69 -1.08
CA SER C 79 12.01 9.66 -0.95
C SER C 79 13.06 10.81 -1.17
C SER C 79 13.01 10.81 -0.81
N VAL C 80 12.54 12.03 -1.09
CA VAL C 80 13.37 13.21 -1.01
C VAL C 80 12.48 14.31 -0.44
N VAL C 81 13.09 15.20 0.33
CA VAL C 81 12.42 16.39 0.83
C VAL C 81 12.90 17.58 0.01
N VAL C 82 11.94 18.34 -0.53
CA VAL C 82 12.22 19.51 -1.35
C VAL C 82 11.77 20.72 -0.57
N GLU C 83 12.66 21.68 -0.41
CA GLU C 83 12.42 22.92 0.34
C GLU C 83 12.39 24.12 -0.59
N ASP C 84 12.02 25.26 0.00
CA ASP C 84 11.97 26.54 -0.68
C ASP C 84 11.01 26.53 -1.86
N LEU C 85 9.88 25.81 -1.71
CA LEU C 85 8.82 25.86 -2.69
C LEU C 85 7.83 27.00 -2.37
N LEU C 86 7.08 27.42 -3.39
CA LEU C 86 6.24 28.61 -3.27
C LEU C 86 4.81 28.24 -2.93
N PRO C 87 4.25 28.71 -1.81
CA PRO C 87 2.86 28.38 -1.49
C PRO C 87 1.91 28.74 -2.63
N ASN C 88 0.92 27.87 -2.84
N ASN C 88 0.92 27.87 -2.84
CA ASN C 88 -0.12 28.05 -3.84
CA ASN C 88 -0.13 28.03 -3.83
C ASN C 88 0.40 27.94 -5.27
C ASN C 88 0.40 27.94 -5.26
N HIS C 89 1.62 27.44 -5.47
CA HIS C 89 2.19 27.32 -6.81
C HIS C 89 2.22 25.84 -7.23
N SER C 90 2.10 25.60 -8.52
CA SER C 90 1.94 24.23 -9.02
C SER C 90 3.24 23.81 -9.65
N TYR C 91 3.64 22.57 -9.34
CA TYR C 91 4.91 21.99 -9.77
C TYR C 91 4.69 20.67 -10.46
N VAL C 92 5.62 20.35 -11.35
CA VAL C 92 5.73 19.03 -11.94
C VAL C 92 7.02 18.38 -11.43
N PHE C 93 6.92 17.14 -11.01
CA PHE C 93 8.01 16.30 -10.57
C PHE C 93 8.14 15.11 -11.50
N ARG C 94 9.39 14.77 -11.82
CA ARG C 94 9.74 13.61 -12.65
C ARG C 94 10.80 12.79 -11.94
N VAL C 95 10.62 11.47 -11.92
CA VAL C 95 11.56 10.60 -11.22
C VAL C 95 11.94 9.47 -12.15
N ARG C 96 13.23 9.20 -12.26
CA ARG C 96 13.77 8.10 -13.06
C ARG C 96 14.70 7.26 -12.20
N ALA C 97 14.77 5.97 -12.52
CA ALA C 97 15.68 5.05 -11.88
C ALA C 97 16.79 4.65 -12.83
N GLN C 98 17.97 4.39 -12.28
CA GLN C 98 19.11 3.95 -13.06
C GLN C 98 19.62 2.60 -12.60
N SER C 99 20.09 1.80 -13.55
CA SER C 99 20.65 0.49 -13.26
C SER C 99 21.84 0.25 -14.18
N GLN C 100 22.26 -1.02 -14.23
CA GLN C 100 23.22 -1.49 -15.23
C GLN C 100 22.80 -1.07 -16.63
N GLU C 101 21.65 -1.57 -17.09
CA GLU C 101 21.16 -1.28 -18.44
C GLU C 101 21.14 0.23 -18.71
N GLY C 102 21.08 1.06 -17.68
CA GLY C 102 21.03 2.49 -17.85
C GLY C 102 19.77 3.06 -17.21
N TRP C 103 19.35 4.22 -17.68
CA TRP C 103 18.19 4.89 -17.11
C TRP C 103 16.90 4.32 -17.67
N GLY C 104 15.93 4.13 -16.78
CA GLY C 104 14.62 3.66 -17.16
C GLY C 104 13.69 4.84 -17.36
N ARG C 105 12.42 4.50 -17.54
CA ARG C 105 11.41 5.50 -17.84
C ARG C 105 11.06 6.32 -16.61
N GLU C 106 10.53 7.51 -16.86
CA GLU C 106 10.22 8.45 -15.81
C GLU C 106 8.77 8.30 -15.38
N ARG C 107 8.54 8.60 -14.11
CA ARG C 107 7.21 8.74 -13.55
C ARG C 107 7.04 10.23 -13.27
N GLU C 108 5.92 10.79 -13.72
CA GLU C 108 5.59 12.20 -13.54
C GLU C 108 4.45 12.35 -12.54
N GLY C 109 4.50 13.39 -11.72
CA GLY C 109 3.42 13.66 -10.81
C GLY C 109 3.36 15.16 -10.61
N VAL C 110 2.17 15.73 -10.44
CA VAL C 110 2.05 17.18 -10.22
C VAL C 110 1.39 17.46 -8.88
N ILE C 111 1.63 18.68 -8.38
CA ILE C 111 1.17 19.02 -7.04
C ILE C 111 1.07 20.53 -6.92
N THR C 112 0.16 20.99 -6.10
CA THR C 112 0.05 22.40 -5.74
C THR C 112 0.43 22.57 -4.27
N ILE C 113 1.34 23.48 -3.97
CA ILE C 113 1.78 23.67 -2.63
C ILE C 113 0.64 24.26 -1.77
N THR D 27 -8.36 28.43 0.53
CA THR D 27 -7.44 28.84 -0.54
C THR D 27 -6.99 27.63 -1.36
N ARG D 28 -6.90 26.47 -0.69
CA ARG D 28 -6.31 25.28 -1.29
C ARG D 28 -7.37 24.25 -1.66
N LEU D 29 -7.32 23.74 -2.89
CA LEU D 29 -8.17 22.62 -3.26
C LEU D 29 -7.58 21.34 -2.67
N VAL D 30 -8.45 20.49 -2.14
CA VAL D 30 -8.07 19.21 -1.57
C VAL D 30 -8.63 18.14 -2.49
N PHE D 31 -7.78 17.19 -2.87
CA PHE D 31 -8.11 16.09 -3.76
C PHE D 31 -8.11 14.79 -2.97
N SER D 32 -9.13 13.96 -3.20
CA SER D 32 -9.25 12.65 -2.56
C SER D 32 -9.62 11.65 -3.65
N ALA D 33 -8.78 10.66 -3.87
CA ALA D 33 -9.07 9.63 -4.87
C ALA D 33 -10.12 8.71 -4.30
N LEU D 34 -11.21 8.54 -5.03
CA LEU D 34 -12.25 7.60 -4.67
C LEU D 34 -12.12 6.27 -5.37
N GLY D 35 -11.43 6.23 -6.51
CA GLY D 35 -11.18 5.02 -7.25
C GLY D 35 -10.09 5.30 -8.28
N PRO D 36 -9.83 4.35 -9.17
CA PRO D 36 -8.76 4.56 -10.15
C PRO D 36 -9.07 5.64 -11.16
N THR D 37 -10.34 6.00 -11.33
CA THR D 37 -10.76 6.97 -12.32
C THR D 37 -11.73 7.99 -11.74
N SER D 38 -11.85 8.07 -10.41
N SER D 38 -11.84 8.08 -10.41
CA SER D 38 -12.78 8.98 -9.76
CA SER D 38 -12.78 8.98 -9.75
C SER D 38 -12.02 9.82 -8.74
C SER D 38 -12.04 9.81 -8.72
N LEU D 39 -12.43 11.07 -8.61
CA LEU D 39 -11.75 12.05 -7.78
C LEU D 39 -12.77 12.95 -7.11
N LYS D 40 -12.59 13.19 -5.83
CA LYS D 40 -13.32 14.21 -5.08
C LYS D 40 -12.43 15.45 -4.98
N VAL D 41 -12.99 16.59 -5.32
CA VAL D 41 -12.34 17.87 -5.30
C VAL D 41 -13.10 18.72 -4.32
N SER D 42 -12.42 19.26 -3.32
CA SER D 42 -13.07 19.99 -2.25
C SER D 42 -12.40 21.34 -2.04
N TRP D 43 -13.19 22.31 -1.59
CA TRP D 43 -12.72 23.61 -1.15
C TRP D 43 -13.47 23.95 0.15
N GLN D 44 -13.07 25.03 0.80
CA GLN D 44 -13.73 25.43 2.04
C GLN D 44 -14.04 26.92 2.02
N GLU D 45 -15.13 27.29 2.69
CA GLU D 45 -15.61 28.66 2.75
C GLU D 45 -16.08 29.12 1.37
N ALA D 51 -22.67 37.97 -0.37
CA ALA D 51 -22.96 36.56 -0.16
C ALA D 51 -22.77 35.79 -1.46
N LEU D 52 -22.40 34.51 -1.35
CA LEU D 52 -22.12 33.70 -2.53
C LEU D 52 -23.41 33.24 -3.21
N LEU D 53 -23.40 33.22 -4.54
CA LEU D 53 -24.47 32.61 -5.30
C LEU D 53 -24.19 31.15 -5.61
N GLY D 54 -22.92 30.78 -5.75
CA GLY D 54 -22.55 29.43 -6.10
C GLY D 54 -21.11 29.38 -6.52
N TYR D 55 -20.78 28.36 -7.32
CA TYR D 55 -19.42 28.16 -7.79
C TYR D 55 -19.42 27.67 -9.23
N SER D 56 -18.36 27.99 -9.94
CA SER D 56 -18.05 27.38 -11.23
C SER D 56 -16.79 26.56 -11.08
N VAL D 57 -16.81 25.33 -11.59
CA VAL D 57 -15.68 24.44 -11.52
C VAL D 57 -15.25 24.05 -12.94
N GLU D 58 -14.01 24.34 -13.28
CA GLU D 58 -13.43 24.00 -14.58
C GLU D 58 -12.29 23.03 -14.37
N TYR D 59 -12.15 22.04 -15.27
CA TYR D 59 -10.98 21.18 -15.18
C TYR D 59 -10.61 20.64 -16.55
N GLN D 60 -9.33 20.32 -16.71
CA GLN D 60 -8.88 19.78 -17.98
C GLN D 60 -7.51 19.15 -17.79
N LEU D 61 -7.15 18.32 -18.76
CA LEU D 61 -5.80 17.77 -18.76
C LEU D 61 -4.81 18.91 -18.85
N LEU D 62 -3.67 18.76 -18.18
CA LEU D 62 -2.56 19.67 -18.46
C LEU D 62 -2.08 19.54 -19.91
N ASN D 63 -2.17 18.34 -20.49
CA ASN D 63 -1.82 18.14 -21.90
C ASN D 63 -2.60 19.11 -22.78
N GLY D 64 -3.83 19.42 -22.40
CA GLY D 64 -4.66 20.38 -23.10
C GLY D 64 -6.05 19.88 -23.40
N GLY D 65 -6.25 18.57 -23.31
CA GLY D 65 -7.51 17.96 -23.68
C GLY D 65 -8.42 17.69 -22.50
N GLU D 66 -9.54 17.02 -22.79
N GLU D 66 -9.49 16.94 -22.78
CA GLU D 66 -10.55 16.71 -21.79
CA GLU D 66 -10.53 16.72 -21.77
C GLU D 66 -10.93 17.98 -21.03
C GLU D 66 -10.86 18.03 -21.08
N MET D 67 -11.73 18.84 -21.65
CA MET D 67 -12.07 20.15 -21.11
C MET D 67 -13.53 20.18 -20.65
N HIS D 68 -13.75 20.48 -19.36
CA HIS D 68 -15.07 20.37 -18.80
C HIS D 68 -15.41 21.56 -17.91
N ARG D 69 -16.71 21.79 -17.77
CA ARG D 69 -17.24 22.89 -16.97
C ARG D 69 -18.43 22.38 -16.19
N LEU D 70 -18.52 22.82 -14.93
CA LEU D 70 -19.62 22.45 -14.05
C LEU D 70 -20.05 23.69 -13.28
N ASN D 71 -21.37 23.90 -13.20
CA ASN D 71 -21.92 25.00 -12.44
C ASN D 71 -22.47 24.47 -11.12
N ILE D 72 -22.11 25.11 -10.03
CA ILE D 72 -22.55 24.73 -8.70
C ILE D 72 -23.39 25.88 -8.17
N PRO D 73 -24.70 25.89 -8.37
CA PRO D 73 -25.51 27.06 -7.97
C PRO D 73 -25.87 27.11 -6.49
N ASN D 74 -25.46 26.13 -5.70
CA ASN D 74 -25.74 26.10 -4.27
C ASN D 74 -24.54 26.61 -3.50
N PRO D 75 -24.64 27.73 -2.78
CA PRO D 75 -23.44 28.24 -2.07
C PRO D 75 -22.96 27.33 -0.95
N GLY D 76 -23.80 26.45 -0.42
CA GLY D 76 -23.37 25.52 0.60
C GLY D 76 -22.52 24.36 0.10
N GLN D 77 -22.52 24.08 -1.20
CA GLN D 77 -21.78 22.95 -1.74
C GLN D 77 -20.30 23.30 -1.78
N THR D 78 -19.46 22.37 -1.31
CA THR D 78 -18.01 22.60 -1.28
C THR D 78 -17.20 21.48 -1.95
N SER D 79 -17.84 20.55 -2.64
CA SER D 79 -17.07 19.51 -3.31
C SER D 79 -17.83 19.04 -4.53
N VAL D 80 -17.11 18.30 -5.38
CA VAL D 80 -17.72 17.61 -6.49
C VAL D 80 -16.90 16.34 -6.71
N VAL D 81 -17.57 15.29 -7.16
CA VAL D 81 -16.90 14.06 -7.54
C VAL D 81 -16.84 14.05 -9.06
N VAL D 82 -15.65 13.85 -9.58
CA VAL D 82 -15.40 13.77 -11.02
C VAL D 82 -15.05 12.32 -11.33
N GLU D 83 -15.71 11.77 -12.33
CA GLU D 83 -15.47 10.40 -12.76
C GLU D 83 -14.94 10.39 -14.19
N ASP D 84 -14.56 9.21 -14.66
CA ASP D 84 -14.11 9.01 -16.03
C ASP D 84 -12.79 9.74 -16.29
N LEU D 85 -11.99 9.99 -15.26
CA LEU D 85 -10.67 10.54 -15.45
C LEU D 85 -9.69 9.46 -15.92
N LEU D 86 -8.60 9.90 -16.52
CA LEU D 86 -7.65 8.96 -17.12
C LEU D 86 -6.56 8.64 -16.12
N PRO D 87 -6.34 7.36 -15.78
CA PRO D 87 -5.26 7.04 -14.84
C PRO D 87 -3.90 7.51 -15.33
N ASN D 88 -3.08 7.99 -14.38
CA ASN D 88 -1.72 8.44 -14.61
C ASN D 88 -1.65 9.75 -15.36
N HIS D 89 -2.78 10.42 -15.57
CA HIS D 89 -2.80 11.70 -16.23
C HIS D 89 -2.95 12.85 -15.22
N SER D 90 -2.47 14.01 -15.61
CA SER D 90 -2.41 15.19 -14.75
C SER D 90 -3.44 16.18 -15.23
N TYR D 91 -4.20 16.71 -14.26
CA TYR D 91 -5.31 17.60 -14.49
C TYR D 91 -5.08 18.88 -13.71
N VAL D 92 -5.66 19.97 -14.18
CA VAL D 92 -5.77 21.21 -13.44
C VAL D 92 -7.25 21.45 -13.16
N PHE D 93 -7.56 21.86 -11.93
CA PHE D 93 -8.91 22.21 -11.50
C PHE D 93 -8.93 23.66 -11.06
N ARG D 94 -9.99 24.37 -11.43
CA ARG D 94 -10.18 25.75 -11.01
C ARG D 94 -11.59 25.94 -10.49
N VAL D 95 -11.71 26.57 -9.32
CA VAL D 95 -13.01 26.80 -8.69
C VAL D 95 -13.15 28.30 -8.46
N ARG D 96 -14.22 28.87 -8.99
CA ARG D 96 -14.52 30.29 -8.85
C ARG D 96 -15.78 30.46 -8.02
N ALA D 97 -15.68 31.26 -6.96
CA ALA D 97 -16.85 31.68 -6.20
C ALA D 97 -17.46 32.89 -6.90
N GLN D 98 -18.73 32.79 -7.26
CA GLN D 98 -19.42 33.86 -7.97
C GLN D 98 -20.29 34.68 -7.02
N SER D 99 -20.32 35.99 -7.25
CA SER D 99 -21.05 36.91 -6.39
C SER D 99 -21.41 38.14 -7.20
N GLN D 100 -22.30 38.96 -6.60
CA GLN D 100 -22.54 40.29 -7.14
C GLN D 100 -21.35 41.19 -6.83
N GLU D 101 -20.95 41.26 -5.55
CA GLU D 101 -19.72 41.95 -5.19
C GLU D 101 -18.59 41.53 -6.13
N GLY D 102 -18.48 40.24 -6.43
CA GLY D 102 -17.52 39.76 -7.38
C GLY D 102 -16.10 39.61 -6.86
N TRP D 103 -15.89 39.82 -5.55
CA TRP D 103 -14.55 39.72 -4.97
C TRP D 103 -14.27 38.34 -4.42
N GLY D 104 -14.86 37.31 -5.00
CA GLY D 104 -14.52 35.93 -4.67
C GLY D 104 -13.29 35.47 -5.43
N ARG D 105 -12.22 35.18 -4.70
CA ARG D 105 -10.98 34.78 -5.35
C ARG D 105 -11.09 33.36 -5.90
N GLU D 106 -10.34 33.09 -6.95
CA GLU D 106 -10.34 31.78 -7.56
C GLU D 106 -9.31 30.88 -6.88
N ARG D 107 -9.59 29.58 -6.89
CA ARG D 107 -8.66 28.59 -6.35
C ARG D 107 -8.28 27.68 -7.50
N GLU D 108 -7.02 27.30 -7.54
CA GLU D 108 -6.49 26.40 -8.57
C GLU D 108 -5.67 25.30 -7.91
N GLY D 109 -5.77 24.10 -8.45
CA GLY D 109 -4.97 23.01 -7.92
C GLY D 109 -4.80 21.97 -9.01
N VAL D 110 -3.69 21.25 -8.94
CA VAL D 110 -3.35 20.24 -9.94
C VAL D 110 -3.12 18.90 -9.23
N ILE D 111 -3.33 17.82 -9.99
CA ILE D 111 -3.29 16.50 -9.41
C ILE D 111 -3.00 15.52 -10.52
N THR D 112 -2.32 14.44 -10.18
CA THR D 112 -2.12 13.32 -11.10
C THR D 112 -2.93 12.15 -10.61
N ILE D 113 -3.68 11.53 -11.52
CA ILE D 113 -4.62 10.47 -11.17
C ILE D 113 -3.87 9.18 -10.90
#